data_9GV5
#
_entry.id   9GV5
#
_cell.length_a   1.00
_cell.length_b   1.00
_cell.length_c   1.00
_cell.angle_alpha   90.00
_cell.angle_beta   90.00
_cell.angle_gamma   90.00
#
_symmetry.space_group_name_H-M   'P 1'
#
_entity_poly.entity_id   1
_entity_poly.type   'polypeptide(L)'
_entity_poly.pdbx_seq_one_letter_code
;MDYKDDDDKALQSQASEEAKGPWQEADQEQQEPVGSPEPESEPEPEPEPEPVPVPPPEPQPEPQPLPDPAPLPELEFESE
RVHEPEPTPTVETRGTARGFQPPEGGFGWVVVFAATWCNGSIFGIHNSVGILYSMLLEEEKEKNRQVEFQAAWVGALAMG
MIFFCSPIVSIFTDRLGCRITATAGAAVAFIGLHTSSFTSSLSLRYFTYGILFGCGCSFAFQPSLVILGHYFQRRLGLAN
GVVSAGSSIFSMSFPFLIRMLGDKIKLAQTFQVLSTFMFVLMLLSLTYRPLLPSSQDTPSKRGVRTLHQRFLAQLRKYFN
MRVFRQRTYRIWAFGIAAAALGYFVPYVHLMKYVEEEFSEIKETWVLLVCIGATSGLGRLVSGHISDSIPGLKKIYLQVL
SFLLLGLMSMMIPLCRDFGGLIVVCLFLGLCNGFFITIMAPIAFELVGPMQASQAIGYLLGMMALPMIAGPPIAGLLRNC
FGDYHVAFYFAGVPPIIGAVILFFVPSRLEEELRRRLTEPI
;
_entity_poly.pdbx_strand_id   A
#
# COMPACT_ATOMS: atom_id res chain seq x y z
N PRO A 102 28.30 -0.37 -2.97
CA PRO A 102 27.10 -1.09 -2.56
C PRO A 102 27.31 -1.93 -1.30
N PRO A 103 27.18 -1.31 -0.13
CA PRO A 103 27.43 -2.04 1.12
C PRO A 103 26.41 -3.14 1.42
N GLU A 104 25.43 -3.36 0.55
CA GLU A 104 24.50 -4.49 0.65
C GLU A 104 24.00 -4.68 2.09
N GLY A 105 23.56 -3.59 2.69
CA GLY A 105 23.02 -3.65 4.03
C GLY A 105 24.09 -3.49 5.09
N GLY A 106 23.83 -4.09 6.24
CA GLY A 106 24.72 -3.96 7.38
C GLY A 106 24.50 -2.61 8.05
N PHE A 107 25.44 -1.69 7.86
CA PHE A 107 25.21 -0.33 8.30
C PHE A 107 23.98 0.26 7.63
N GLY A 108 23.58 -0.30 6.49
CA GLY A 108 22.36 0.09 5.79
C GLY A 108 21.08 -0.37 6.43
N TRP A 109 21.17 -1.22 7.46
CA TRP A 109 19.98 -1.52 8.25
C TRP A 109 19.37 -0.26 8.81
N VAL A 110 20.17 0.80 8.99
CA VAL A 110 19.62 2.11 9.31
C VAL A 110 18.68 2.57 8.20
N VAL A 111 19.12 2.42 6.94
CA VAL A 111 18.27 2.77 5.81
C VAL A 111 17.00 1.95 5.84
N VAL A 112 17.12 0.65 6.11
CA VAL A 112 15.95 -0.22 6.14
C VAL A 112 14.98 0.23 7.23
N PHE A 113 15.51 0.57 8.41
CA PHE A 113 14.65 1.04 9.49
C PHE A 113 13.95 2.34 9.11
N ALA A 114 14.68 3.25 8.47
CA ALA A 114 14.06 4.49 8.00
C ALA A 114 12.91 4.20 7.04
N ALA A 115 13.14 3.31 6.08
CA ALA A 115 12.09 2.94 5.14
C ALA A 115 10.91 2.33 5.86
N THR A 116 11.16 1.44 6.82
CA THR A 116 10.07 0.82 7.57
C THR A 116 9.22 1.89 8.24
N TRP A 117 9.86 2.78 9.01
CA TRP A 117 9.09 3.80 9.71
C TRP A 117 8.29 4.66 8.75
N CYS A 118 8.95 5.14 7.69
CA CYS A 118 8.28 6.04 6.75
C CYS A 118 7.08 5.37 6.12
N ASN A 119 7.30 4.24 5.45
CA ASN A 119 6.23 3.60 4.67
C ASN A 119 5.16 3.02 5.58
N GLY A 120 5.50 2.67 6.82
CA GLY A 120 4.48 2.21 7.74
C GLY A 120 3.61 3.34 8.22
N SER A 121 4.23 4.41 8.71
CA SER A 121 3.46 5.53 9.25
C SER A 121 2.58 6.18 8.19
N ILE A 122 3.11 6.33 6.96
CA ILE A 122 2.34 7.01 5.92
C ILE A 122 1.00 6.30 5.73
N PHE A 123 1.04 5.00 5.46
CA PHE A 123 -0.19 4.27 5.22
C PHE A 123 -0.97 4.03 6.51
N GLY A 124 -0.31 4.09 7.67
CA GLY A 124 -1.06 4.04 8.91
C GLY A 124 -1.98 5.23 9.06
N ILE A 125 -1.46 6.43 8.80
CA ILE A 125 -2.32 7.61 8.86
C ILE A 125 -3.31 7.60 7.72
N HIS A 126 -2.92 7.09 6.55
CA HIS A 126 -3.90 6.97 5.45
C HIS A 126 -5.08 6.11 5.86
N ASN A 127 -4.82 4.96 6.49
CA ASN A 127 -5.91 4.13 6.99
C ASN A 127 -6.68 4.85 8.10
N SER A 128 -5.97 5.55 8.98
CA SER A 128 -6.62 6.31 10.03
C SER A 128 -7.56 7.36 9.46
N VAL A 129 -7.36 7.76 8.20
CA VAL A 129 -8.34 8.63 7.54
C VAL A 129 -9.74 8.06 7.72
N GLY A 130 -9.86 6.73 7.80
CA GLY A 130 -11.16 6.13 8.06
C GLY A 130 -11.76 6.64 9.36
N ILE A 131 -10.96 6.66 10.43
CA ILE A 131 -11.42 7.24 11.69
C ILE A 131 -11.68 8.73 11.50
N LEU A 132 -10.77 9.41 10.80
CA LEU A 132 -10.85 10.86 10.68
C LEU A 132 -12.19 11.28 10.09
N TYR A 133 -12.43 10.90 8.83
CA TYR A 133 -13.59 11.41 8.10
C TYR A 133 -14.91 10.82 8.58
N SER A 134 -14.88 9.80 9.46
CA SER A 134 -16.10 9.15 9.91
C SER A 134 -16.44 9.43 11.37
N MET A 135 -15.47 9.83 12.19
CA MET A 135 -15.71 10.11 13.60
C MET A 135 -15.25 11.50 14.00
N LEU A 136 -14.12 11.98 13.48
CA LEU A 136 -13.61 13.29 13.80
C LEU A 136 -14.05 14.35 12.79
N LEU A 137 -14.86 13.98 11.82
CA LEU A 137 -15.31 14.91 10.80
C LEU A 137 -16.49 15.74 11.31
N VAL A 147 -23.53 19.09 1.41
CA VAL A 147 -23.78 17.68 1.12
C VAL A 147 -22.83 16.81 1.92
N GLU A 148 -23.39 15.89 2.72
CA GLU A 148 -22.58 15.00 3.53
C GLU A 148 -21.69 14.11 2.66
N PHE A 149 -22.13 13.80 1.44
CA PHE A 149 -21.30 13.00 0.54
C PHE A 149 -20.01 13.72 0.17
N GLN A 150 -19.93 15.03 0.42
CA GLN A 150 -18.65 15.72 0.29
C GLN A 150 -17.59 15.08 1.15
N ALA A 151 -17.97 14.47 2.28
CA ALA A 151 -16.99 13.75 3.09
C ALA A 151 -16.35 12.61 2.30
N ALA A 152 -17.19 11.78 1.67
CA ALA A 152 -16.66 10.68 0.86
C ALA A 152 -15.86 11.20 -0.32
N TRP A 153 -16.34 12.27 -0.96
CA TRP A 153 -15.60 12.83 -2.09
C TRP A 153 -14.23 13.33 -1.67
N VAL A 154 -14.16 13.99 -0.51
CA VAL A 154 -12.89 14.47 0.00
C VAL A 154 -11.97 13.31 0.34
N GLY A 155 -12.52 12.26 0.95
CA GLY A 155 -11.71 11.08 1.22
C GLY A 155 -11.13 10.47 -0.04
N ALA A 156 -11.96 10.36 -1.08
CA ALA A 156 -11.48 9.82 -2.35
C ALA A 156 -10.40 10.72 -2.95
N LEU A 157 -10.60 12.02 -2.89
CA LEU A 157 -9.59 12.96 -3.38
C LEU A 157 -8.27 12.76 -2.66
N ALA A 158 -8.32 12.67 -1.32
CA ALA A 158 -7.11 12.47 -0.54
C ALA A 158 -6.42 11.17 -0.93
N MET A 159 -7.19 10.08 -1.03
CA MET A 159 -6.59 8.80 -1.39
C MET A 159 -5.94 8.85 -2.77
N GLY A 160 -6.63 9.43 -3.75
CA GLY A 160 -6.06 9.51 -5.07
C GLY A 160 -4.80 10.36 -5.12
N MET A 161 -4.80 11.50 -4.42
CA MET A 161 -3.69 12.43 -4.51
C MET A 161 -2.37 11.76 -4.13
N ILE A 162 -2.43 10.71 -3.32
CA ILE A 162 -1.22 9.98 -2.94
C ILE A 162 -0.45 9.56 -4.19
N PHE A 163 -1.07 8.73 -5.02
CA PHE A 163 -0.41 8.23 -6.22
C PHE A 163 -0.37 9.26 -7.33
N PHE A 164 -1.44 10.07 -7.48
CA PHE A 164 -1.63 10.84 -8.70
C PHE A 164 -0.41 11.70 -9.01
N CYS A 165 0.12 12.41 -8.02
CA CYS A 165 1.21 13.35 -8.25
C CYS A 165 2.59 12.71 -8.11
N SER A 166 2.65 11.39 -7.91
CA SER A 166 3.94 10.72 -7.83
C SER A 166 4.82 10.93 -9.05
N PRO A 167 4.31 10.90 -10.28
CA PRO A 167 5.18 11.19 -11.43
C PRO A 167 5.85 12.55 -11.35
N ILE A 168 5.13 13.56 -10.84
CA ILE A 168 5.75 14.86 -10.64
C ILE A 168 6.76 14.80 -9.50
N VAL A 169 6.41 14.09 -8.43
CA VAL A 169 7.35 13.90 -7.32
C VAL A 169 8.63 13.26 -7.80
N SER A 170 8.57 12.50 -8.90
CA SER A 170 9.76 11.84 -9.41
C SER A 170 10.84 12.85 -9.78
N ILE A 171 10.46 13.94 -10.45
CA ILE A 171 11.44 14.95 -10.83
C ILE A 171 12.03 15.61 -9.59
N PHE A 172 11.17 15.92 -8.60
CA PHE A 172 11.67 16.46 -7.34
C PHE A 172 12.72 15.54 -6.75
N THR A 173 12.40 14.26 -6.66
CA THR A 173 13.33 13.29 -6.09
C THR A 173 14.65 13.28 -6.87
N ASP A 174 14.57 13.16 -8.19
CA ASP A 174 15.78 13.03 -9.00
C ASP A 174 16.66 14.27 -8.86
N ARG A 175 16.06 15.46 -8.88
CA ARG A 175 16.86 16.68 -8.91
C ARG A 175 17.22 17.19 -7.51
N LEU A 176 16.65 16.60 -6.45
CA LEU A 176 16.90 17.09 -5.10
C LEU A 176 17.45 16.05 -4.14
N GLY A 177 17.56 14.79 -4.54
CA GLY A 177 17.89 13.74 -3.60
C GLY A 177 16.68 13.36 -2.77
N CYS A 178 16.58 12.07 -2.46
CA CYS A 178 15.42 11.58 -1.72
C CYS A 178 15.26 12.34 -0.41
N ARG A 179 16.38 12.75 0.21
CA ARG A 179 16.33 13.38 1.51
C ARG A 179 15.52 14.68 1.47
N ILE A 180 15.80 15.53 0.48
CA ILE A 180 15.16 16.85 0.43
C ILE A 180 13.66 16.70 0.22
N THR A 181 13.26 15.87 -0.74
CA THR A 181 11.83 15.68 -1.00
C THR A 181 11.14 15.05 0.21
N ALA A 182 11.81 14.09 0.86
CA ALA A 182 11.21 13.47 2.04
C ALA A 182 10.98 14.50 3.14
N THR A 183 11.97 15.34 3.43
CA THR A 183 11.80 16.32 4.49
C THR A 183 10.76 17.37 4.11
N ALA A 184 10.70 17.74 2.83
CA ALA A 184 9.71 18.73 2.39
C ALA A 184 8.31 18.19 2.56
N GLY A 185 8.06 16.96 2.08
CA GLY A 185 6.76 16.36 2.28
C GLY A 185 6.43 16.16 3.74
N ALA A 186 7.45 15.83 4.54
CA ALA A 186 7.25 15.69 5.97
C ALA A 186 6.78 17.01 6.59
N ALA A 187 7.43 18.12 6.21
CA ALA A 187 7.01 19.42 6.72
C ALA A 187 5.59 19.75 6.27
N VAL A 188 5.28 19.46 5.00
CA VAL A 188 3.95 19.77 4.48
C VAL A 188 2.88 19.02 5.28
N ALA A 189 3.08 17.72 5.48
CA ALA A 189 2.11 16.94 6.25
C ALA A 189 2.06 17.39 7.70
N PHE A 190 3.22 17.66 8.29
CA PHE A 190 3.30 18.15 9.66
C PHE A 190 2.43 19.39 9.84
N ILE A 191 2.50 20.32 8.89
CA ILE A 191 1.58 21.45 8.90
C ILE A 191 0.15 20.96 8.69
N GLY A 192 -0.03 20.04 7.75
CA GLY A 192 -1.35 19.61 7.32
C GLY A 192 -2.22 19.08 8.43
N LEU A 193 -1.86 17.92 8.98
CA LEU A 193 -2.76 17.29 9.93
C LEU A 193 -2.85 18.05 11.25
N HIS A 194 -1.98 19.03 11.47
CA HIS A 194 -2.11 19.93 12.61
C HIS A 194 -2.97 21.15 12.27
N THR A 195 -2.92 21.60 11.02
CA THR A 195 -3.62 22.83 10.65
C THR A 195 -5.11 22.53 10.55
N SER A 196 -5.87 23.44 9.94
CA SER A 196 -7.31 23.49 10.08
C SER A 196 -7.72 23.83 11.51
N SER A 197 -6.79 24.42 12.26
CA SER A 197 -7.06 24.89 13.61
C SER A 197 -8.04 26.05 13.61
N PHE A 198 -8.34 26.62 12.45
CA PHE A 198 -9.36 27.66 12.35
C PHE A 198 -10.73 27.00 12.55
N THR A 199 -11.79 27.77 12.35
CA THR A 199 -13.13 27.24 12.53
C THR A 199 -13.38 26.11 11.52
N SER A 200 -14.56 25.50 11.63
CA SER A 200 -14.93 24.36 10.79
C SER A 200 -15.37 24.76 9.39
N SER A 201 -15.02 25.96 8.92
CA SER A 201 -15.44 26.42 7.59
C SER A 201 -15.24 25.32 6.55
N LEU A 202 -16.25 25.17 5.69
CA LEU A 202 -16.28 24.07 4.73
C LEU A 202 -15.04 24.07 3.84
N SER A 203 -14.86 25.13 3.05
CA SER A 203 -13.76 25.18 2.09
C SER A 203 -12.41 25.20 2.80
N LEU A 204 -12.31 25.93 3.91
CA LEU A 204 -11.06 25.98 4.66
C LEU A 204 -10.63 24.58 5.08
N ARG A 205 -11.52 23.83 5.73
CA ARG A 205 -11.20 22.47 6.13
C ARG A 205 -10.86 21.60 4.92
N TYR A 206 -11.69 21.69 3.88
CA TYR A 206 -11.43 20.93 2.66
C TYR A 206 -9.99 21.11 2.21
N PHE A 207 -9.61 22.35 1.90
CA PHE A 207 -8.24 22.61 1.47
C PHE A 207 -7.25 22.07 2.48
N THR A 208 -7.31 22.60 3.71
CA THR A 208 -6.28 22.34 4.71
C THR A 208 -6.01 20.85 4.84
N TYR A 209 -7.05 20.05 5.06
CA TYR A 209 -6.82 18.62 5.20
C TYR A 209 -6.48 17.99 3.86
N GLY A 210 -7.44 17.99 2.92
CA GLY A 210 -7.28 17.22 1.72
C GLY A 210 -6.05 17.56 0.91
N ILE A 211 -5.96 18.79 0.45
CA ILE A 211 -4.91 19.12 -0.52
C ILE A 211 -3.54 18.95 0.10
N LEU A 212 -3.35 19.53 1.29
CA LEU A 212 -2.03 19.47 1.92
C LEU A 212 -1.65 18.04 2.26
N PHE A 213 -2.56 17.29 2.88
CA PHE A 213 -2.24 15.91 3.24
C PHE A 213 -1.90 15.09 2.00
N GLY A 214 -2.71 15.21 0.96
CA GLY A 214 -2.45 14.44 -0.25
C GLY A 214 -1.09 14.76 -0.86
N CYS A 215 -0.83 16.05 -1.07
CA CYS A 215 0.40 16.41 -1.76
C CYS A 215 1.63 16.07 -0.90
N GLY A 216 1.56 16.31 0.41
CA GLY A 216 2.69 15.98 1.26
C GLY A 216 2.96 14.50 1.32
N CYS A 217 1.90 13.69 1.46
CA CYS A 217 2.08 12.25 1.48
C CYS A 217 2.64 11.75 0.16
N SER A 218 2.19 12.32 -0.96
CA SER A 218 2.74 11.92 -2.25
C SER A 218 4.21 12.31 -2.36
N PHE A 219 4.59 13.44 -1.78
CA PHE A 219 6.01 13.82 -1.75
C PHE A 219 6.82 12.85 -0.91
N ALA A 220 6.26 12.40 0.21
CA ALA A 220 7.04 11.69 1.21
C ALA A 220 7.11 10.19 0.94
N PHE A 221 6.10 9.63 0.26
CA PHE A 221 6.04 8.18 0.11
C PHE A 221 7.08 7.68 -0.88
N GLN A 222 7.10 8.23 -2.09
CA GLN A 222 7.95 7.69 -3.15
C GLN A 222 9.43 7.69 -2.81
N PRO A 223 10.01 8.77 -2.27
CA PRO A 223 11.48 8.83 -2.14
C PRO A 223 12.07 7.67 -1.35
N SER A 224 11.25 6.98 -0.57
CA SER A 224 11.73 5.84 0.20
C SER A 224 12.05 4.63 -0.67
N LEU A 225 11.89 4.73 -2.00
CA LEU A 225 12.01 3.58 -2.88
C LEU A 225 12.89 3.84 -4.09
N VAL A 226 13.90 4.71 -3.96
CA VAL A 226 14.74 5.08 -5.10
C VAL A 226 16.21 4.79 -4.83
N ILE A 227 16.77 5.45 -3.82
CA ILE A 227 18.22 5.40 -3.59
C ILE A 227 18.66 4.10 -2.92
N LEU A 228 17.72 3.29 -2.42
CA LEU A 228 18.09 2.06 -1.73
C LEU A 228 18.96 1.18 -2.62
N GLY A 229 18.61 1.07 -3.90
CA GLY A 229 19.34 0.16 -4.77
C GLY A 229 20.80 0.51 -4.92
N HIS A 230 21.13 1.81 -4.89
CA HIS A 230 22.53 2.22 -5.07
C HIS A 230 23.43 1.57 -4.05
N TYR A 231 22.92 1.29 -2.85
CA TYR A 231 23.70 0.66 -1.79
C TYR A 231 23.37 -0.81 -1.59
N PHE A 232 22.17 -1.25 -1.96
CA PHE A 232 21.79 -2.66 -1.94
C PHE A 232 21.93 -3.23 -3.35
N GLN A 233 22.70 -4.31 -3.48
CA GLN A 233 22.85 -4.95 -4.79
C GLN A 233 22.60 -6.46 -4.77
N ARG A 234 23.00 -7.16 -3.71
CA ARG A 234 22.97 -8.62 -3.71
C ARG A 234 21.78 -9.19 -2.96
N ARG A 235 21.35 -8.57 -1.87
CA ARG A 235 20.23 -9.05 -1.06
C ARG A 235 19.08 -8.07 -1.09
N LEU A 236 18.93 -7.35 -2.21
CA LEU A 236 17.91 -6.32 -2.30
C LEU A 236 16.50 -6.90 -2.16
N GLY A 237 16.26 -8.06 -2.75
CA GLY A 237 14.94 -8.67 -2.60
C GLY A 237 14.61 -9.01 -1.17
N LEU A 238 15.57 -9.59 -0.44
CA LEU A 238 15.37 -9.87 0.97
C LEU A 238 15.12 -8.58 1.75
N ALA A 239 15.88 -7.52 1.43
CA ALA A 239 15.70 -6.25 2.13
C ALA A 239 14.31 -5.69 1.86
N ASN A 240 13.83 -5.79 0.62
CA ASN A 240 12.50 -5.31 0.31
C ASN A 240 11.44 -6.11 1.07
N GLY A 241 11.62 -7.43 1.15
CA GLY A 241 10.71 -8.23 1.94
C GLY A 241 10.71 -7.82 3.40
N VAL A 242 11.90 -7.54 3.95
CA VAL A 242 12.01 -7.10 5.34
C VAL A 242 11.28 -5.77 5.53
N VAL A 243 11.47 -4.84 4.59
CA VAL A 243 10.81 -3.54 4.69
C VAL A 243 9.30 -3.71 4.65
N SER A 244 8.82 -4.58 3.75
CA SER A 244 7.39 -4.82 3.66
C SER A 244 6.85 -5.41 4.96
N ALA A 245 7.57 -6.37 5.54
CA ALA A 245 7.14 -6.96 6.80
C ALA A 245 7.10 -5.92 7.91
N GLY A 246 8.13 -5.08 7.98
CA GLY A 246 8.15 -4.02 8.98
C GLY A 246 6.99 -3.06 8.80
N SER A 247 6.71 -2.68 7.55
CA SER A 247 5.57 -1.81 7.29
C SER A 247 4.27 -2.45 7.74
N SER A 248 4.09 -3.73 7.43
CA SER A 248 2.88 -4.43 7.84
C SER A 248 2.73 -4.41 9.35
N ILE A 249 3.77 -4.84 10.07
CA ILE A 249 3.67 -4.96 11.52
C ILE A 249 3.46 -3.60 12.16
N PHE A 250 4.17 -2.58 11.70
CA PHE A 250 4.00 -1.25 12.26
C PHE A 250 2.61 -0.69 11.98
N SER A 251 2.13 -0.84 10.74
CA SER A 251 0.84 -0.29 10.36
C SER A 251 -0.29 -0.94 11.15
N MET A 252 -0.32 -2.28 11.19
CA MET A 252 -1.43 -2.96 11.84
C MET A 252 -1.57 -2.53 13.29
N SER A 253 -0.47 -2.21 13.95
CA SER A 253 -0.52 -1.70 15.32
C SER A 253 -0.74 -0.19 15.39
N PHE A 254 -0.49 0.52 14.29
CA PHE A 254 -0.66 1.97 14.29
C PHE A 254 -2.02 2.41 14.81
N PRO A 255 -3.14 1.85 14.36
CA PRO A 255 -4.42 2.20 14.98
C PRO A 255 -4.43 1.95 16.48
N PHE A 256 -3.86 0.83 16.92
CA PHE A 256 -3.82 0.53 18.35
C PHE A 256 -3.03 1.58 19.11
N LEU A 257 -1.86 1.95 18.59
CA LEU A 257 -1.03 2.93 19.28
C LEU A 257 -1.74 4.27 19.36
N ILE A 258 -2.31 4.73 18.25
CA ILE A 258 -2.96 6.04 18.26
C ILE A 258 -4.15 6.03 19.21
N ARG A 259 -4.96 4.96 19.17
CA ARG A 259 -6.13 4.90 20.06
C ARG A 259 -5.70 4.84 21.52
N MET A 260 -4.63 4.11 21.82
CA MET A 260 -4.23 3.93 23.21
C MET A 260 -3.61 5.20 23.78
N LEU A 261 -2.54 5.69 23.15
CA LEU A 261 -1.85 6.86 23.68
C LEU A 261 -2.45 8.17 23.18
N GLY A 262 -3.62 8.13 22.53
CA GLY A 262 -4.35 9.36 22.24
C GLY A 262 -5.00 9.97 23.45
N ASP A 263 -5.24 9.18 24.49
CA ASP A 263 -5.77 9.68 25.77
C ASP A 263 -7.15 10.33 25.59
N LYS A 264 -7.89 9.87 24.59
CA LYS A 264 -9.28 10.30 24.39
C LYS A 264 -9.40 11.82 24.30
N ILE A 265 -8.41 12.46 23.68
CA ILE A 265 -8.43 13.92 23.58
C ILE A 265 -9.23 14.34 22.36
N LYS A 266 -9.70 15.59 22.38
CA LYS A 266 -10.68 16.07 21.43
C LYS A 266 -10.14 16.03 20.00
N LEU A 267 -11.02 16.36 19.05
CA LEU A 267 -10.72 16.22 17.62
C LEU A 267 -9.50 17.04 17.22
N ALA A 268 -9.49 18.33 17.56
CA ALA A 268 -8.42 19.21 17.11
C ALA A 268 -7.08 18.76 17.71
N GLN A 269 -7.07 18.46 19.00
CA GLN A 269 -5.84 18.03 19.64
C GLN A 269 -5.35 16.72 19.04
N THR A 270 -6.26 15.79 18.72
CA THR A 270 -5.85 14.55 18.10
C THR A 270 -5.25 14.79 16.72
N PHE A 271 -5.91 15.64 15.92
CA PHE A 271 -5.34 16.02 14.63
C PHE A 271 -3.93 16.54 14.80
N GLN A 272 -3.73 17.43 15.76
CA GLN A 272 -2.40 17.99 15.99
C GLN A 272 -1.42 16.90 16.43
N VAL A 273 -1.87 15.98 17.29
CA VAL A 273 -1.00 14.94 17.82
C VAL A 273 -0.49 14.05 16.70
N LEU A 274 -1.38 13.65 15.78
CA LEU A 274 -0.98 12.75 14.72
C LEU A 274 0.17 13.30 13.88
N SER A 275 0.50 14.58 14.02
CA SER A 275 1.67 15.15 13.36
C SER A 275 2.98 14.68 13.98
N THR A 276 2.94 14.03 15.14
CA THR A 276 4.18 13.58 15.78
C THR A 276 4.88 12.54 14.92
N PHE A 277 4.13 11.64 14.30
CA PHE A 277 4.74 10.64 13.43
C PHE A 277 5.44 11.32 12.27
N MET A 278 4.81 12.33 11.68
CA MET A 278 5.45 13.07 10.59
C MET A 278 6.68 13.82 11.07
N PHE A 279 6.66 14.35 12.29
CA PHE A 279 7.85 15.01 12.84
C PHE A 279 9.00 14.02 12.97
N VAL A 280 8.72 12.84 13.52
CA VAL A 280 9.76 11.82 13.65
C VAL A 280 10.24 11.40 12.27
N LEU A 281 9.33 11.32 11.30
CA LEU A 281 9.72 11.01 9.93
C LEU A 281 10.65 12.07 9.37
N MET A 282 10.34 13.34 9.64
CA MET A 282 11.20 14.43 9.17
C MET A 282 12.59 14.31 9.77
N LEU A 283 12.67 13.98 11.06
CA LEU A 283 13.98 13.75 11.67
C LEU A 283 14.70 12.57 11.00
N LEU A 284 13.97 11.50 10.72
CA LEU A 284 14.57 10.31 10.13
C LEU A 284 14.89 10.49 8.65
N SER A 285 14.41 11.57 8.02
CA SER A 285 14.48 11.71 6.57
C SER A 285 15.84 12.16 6.09
N LEU A 286 16.78 12.45 6.98
CA LEU A 286 18.13 12.79 6.55
C LEU A 286 18.80 11.62 5.82
N THR A 287 18.28 10.41 5.99
CA THR A 287 18.83 9.24 5.32
C THR A 287 18.65 9.31 3.81
N ARG A 330 6.31 -0.18 -21.54
CA ARG A 330 5.16 0.18 -20.72
C ARG A 330 4.22 -1.01 -20.53
N ILE A 331 4.31 -1.99 -21.45
CA ILE A 331 3.45 -3.16 -21.38
C ILE A 331 3.50 -3.78 -19.98
N TRP A 332 4.68 -3.78 -19.37
CA TRP A 332 4.81 -4.25 -17.99
C TRP A 332 3.80 -3.56 -17.08
N ALA A 333 3.75 -2.23 -17.13
CA ALA A 333 2.82 -1.50 -16.28
C ALA A 333 1.38 -1.79 -16.66
N PHE A 334 1.10 -1.94 -17.95
CA PHE A 334 -0.25 -2.30 -18.38
C PHE A 334 -0.70 -3.59 -17.70
N GLY A 335 0.13 -4.62 -17.79
CA GLY A 335 -0.22 -5.89 -17.17
C GLY A 335 -0.34 -5.80 -15.67
N ILE A 336 0.57 -5.05 -15.03
CA ILE A 336 0.54 -4.96 -13.57
C ILE A 336 -0.72 -4.23 -13.11
N ALA A 337 -1.14 -3.18 -13.83
CA ALA A 337 -2.39 -2.51 -13.51
C ALA A 337 -3.58 -3.44 -13.75
N ALA A 338 -3.53 -4.22 -14.82
CA ALA A 338 -4.58 -5.21 -15.03
C ALA A 338 -4.70 -6.13 -13.83
N ALA A 339 -3.57 -6.58 -13.28
CA ALA A 339 -3.60 -7.40 -12.08
C ALA A 339 -4.17 -6.62 -10.90
N ALA A 340 -3.75 -5.36 -10.73
CA ALA A 340 -4.26 -4.55 -9.64
C ALA A 340 -5.77 -4.44 -9.69
N LEU A 341 -6.34 -4.44 -10.90
CA LEU A 341 -7.79 -4.36 -11.04
C LEU A 341 -8.49 -5.42 -10.18
N GLY A 342 -7.95 -6.64 -10.17
CA GLY A 342 -8.56 -7.72 -9.42
C GLY A 342 -7.92 -7.96 -8.06
N TYR A 343 -6.79 -7.30 -7.81
CA TYR A 343 -6.06 -7.52 -6.56
C TYR A 343 -6.97 -7.39 -5.33
N PHE A 344 -7.81 -6.35 -5.31
CA PHE A 344 -8.41 -5.91 -4.05
C PHE A 344 -9.71 -6.61 -3.72
N VAL A 345 -10.43 -7.16 -4.71
CA VAL A 345 -11.70 -7.84 -4.43
C VAL A 345 -11.52 -8.96 -3.41
N PRO A 346 -10.59 -9.90 -3.58
CA PRO A 346 -10.44 -10.95 -2.57
C PRO A 346 -10.08 -10.42 -1.20
N TYR A 347 -9.44 -9.26 -1.11
CA TYR A 347 -9.14 -8.68 0.20
C TYR A 347 -10.44 -8.37 0.95
N VAL A 348 -11.36 -7.67 0.28
CA VAL A 348 -12.65 -7.38 0.89
C VAL A 348 -13.39 -8.68 1.21
N HIS A 349 -13.35 -9.63 0.26
CA HIS A 349 -14.02 -10.91 0.50
C HIS A 349 -13.52 -11.56 1.77
N LEU A 350 -12.20 -11.68 1.92
CA LEU A 350 -11.63 -12.32 3.10
C LEU A 350 -11.97 -11.56 4.36
N MET A 351 -11.85 -10.23 4.34
CA MET A 351 -12.12 -9.45 5.54
C MET A 351 -13.57 -9.67 6.00
N LYS A 352 -14.51 -9.58 5.07
CA LYS A 352 -15.91 -9.74 5.47
C LYS A 352 -16.21 -11.16 5.91
N TYR A 353 -15.63 -12.16 5.24
CA TYR A 353 -15.86 -13.54 5.64
C TYR A 353 -15.32 -13.80 7.04
N VAL A 354 -14.15 -13.24 7.35
CA VAL A 354 -13.59 -13.39 8.69
C VAL A 354 -14.49 -12.70 9.71
N GLU A 355 -14.96 -11.50 9.39
CA GLU A 355 -15.71 -10.73 10.38
C GLU A 355 -17.09 -11.32 10.64
N GLU A 356 -17.73 -11.90 9.62
CA GLU A 356 -19.12 -12.33 9.74
C GLU A 356 -19.33 -13.40 10.80
N GLU A 357 -18.77 -14.58 10.60
CA GLU A 357 -19.04 -15.73 11.47
C GLU A 357 -17.98 -15.93 12.54
N PHE A 358 -16.91 -15.14 12.53
CA PHE A 358 -15.83 -15.32 13.50
C PHE A 358 -15.64 -14.01 14.29
N SER A 359 -16.75 -13.46 14.78
CA SER A 359 -16.72 -12.18 15.48
C SER A 359 -15.98 -12.24 16.80
N GLU A 360 -15.65 -13.44 17.30
CA GLU A 360 -14.86 -13.53 18.52
C GLU A 360 -13.51 -12.86 18.38
N ILE A 361 -13.03 -12.67 17.15
CA ILE A 361 -11.78 -11.96 16.91
C ILE A 361 -12.11 -10.47 16.82
N LYS A 362 -11.72 -9.72 17.86
CA LYS A 362 -12.10 -8.32 17.96
C LYS A 362 -10.88 -7.43 18.25
N GLU A 363 -9.88 -7.98 18.93
CA GLU A 363 -8.74 -7.20 19.37
C GLU A 363 -7.93 -6.68 18.18
N THR A 364 -7.38 -5.48 18.34
CA THR A 364 -6.49 -4.93 17.32
C THR A 364 -5.22 -5.75 17.21
N TRP A 365 -4.76 -6.33 18.32
CA TRP A 365 -3.62 -7.22 18.30
C TRP A 365 -3.92 -8.56 17.64
N VAL A 366 -5.17 -8.81 17.29
CA VAL A 366 -5.59 -10.09 16.70
C VAL A 366 -6.26 -9.88 15.35
N LEU A 367 -7.28 -9.02 15.29
CA LEU A 367 -8.10 -8.91 14.09
C LEU A 367 -7.25 -8.53 12.87
N LEU A 368 -6.68 -7.33 12.88
CA LEU A 368 -5.79 -6.96 11.79
C LEU A 368 -4.62 -7.91 11.69
N VAL A 369 -4.18 -8.46 12.82
CA VAL A 369 -3.13 -9.47 12.80
C VAL A 369 -3.58 -10.72 12.06
N CYS A 370 -4.89 -10.98 12.01
CA CYS A 370 -5.37 -12.17 11.33
C CYS A 370 -4.90 -12.22 9.89
N ILE A 371 -4.67 -11.06 9.27
CA ILE A 371 -4.17 -11.00 7.90
C ILE A 371 -2.68 -10.62 7.94
N GLY A 372 -2.30 -9.81 8.93
CA GLY A 372 -0.91 -9.40 9.03
C GLY A 372 0.06 -10.55 9.23
N ALA A 373 -0.37 -11.59 9.95
CA ALA A 373 0.50 -12.72 10.21
C ALA A 373 0.93 -13.37 8.90
N THR A 374 -0.03 -13.60 7.99
CA THR A 374 0.34 -14.07 6.66
C THR A 374 1.10 -13.00 5.90
N SER A 375 0.69 -11.74 6.03
CA SER A 375 1.26 -10.69 5.20
C SER A 375 2.76 -10.58 5.39
N GLY A 376 3.21 -10.45 6.64
CA GLY A 376 4.63 -10.25 6.88
C GLY A 376 5.48 -11.43 6.43
N LEU A 377 5.08 -12.64 6.82
CA LEU A 377 5.85 -13.81 6.46
C LEU A 377 5.88 -14.00 4.95
N GLY A 378 4.73 -13.86 4.29
CA GLY A 378 4.68 -14.03 2.86
C GLY A 378 5.54 -13.01 2.15
N ARG A 379 5.47 -11.75 2.58
CA ARG A 379 6.28 -10.70 1.95
C ARG A 379 7.76 -11.00 2.10
N LEU A 380 8.19 -11.38 3.31
CA LEU A 380 9.60 -11.63 3.53
C LEU A 380 10.09 -12.83 2.71
N VAL A 381 9.35 -13.94 2.76
CA VAL A 381 9.78 -15.12 2.02
C VAL A 381 9.74 -14.89 0.52
N SER A 382 8.75 -14.13 0.04
CA SER A 382 8.70 -13.79 -1.37
C SER A 382 9.89 -12.95 -1.78
N GLY A 383 10.27 -11.97 -0.93
CA GLY A 383 11.45 -11.19 -1.23
C GLY A 383 12.70 -12.03 -1.30
N HIS A 384 12.84 -12.99 -0.36
CA HIS A 384 13.98 -13.88 -0.40
C HIS A 384 13.98 -14.73 -1.66
N ILE A 385 12.81 -15.25 -2.04
CA ILE A 385 12.71 -16.05 -3.25
C ILE A 385 13.10 -15.23 -4.47
N SER A 386 12.62 -13.99 -4.53
CA SER A 386 12.96 -13.11 -5.65
C SER A 386 14.46 -12.85 -5.71
N ASP A 387 15.07 -12.57 -4.56
CA ASP A 387 16.52 -12.39 -4.52
C ASP A 387 17.22 -13.66 -4.98
N SER A 388 16.60 -14.82 -4.76
CA SER A 388 17.18 -16.08 -5.23
C SER A 388 17.09 -16.20 -6.74
N ILE A 389 15.93 -15.88 -7.31
CA ILE A 389 15.68 -16.09 -8.74
C ILE A 389 16.50 -15.07 -9.54
N PRO A 390 17.30 -15.51 -10.52
CA PRO A 390 18.07 -14.56 -11.31
C PRO A 390 17.32 -14.07 -12.54
N GLY A 391 17.70 -12.87 -12.99
CA GLY A 391 17.20 -12.33 -14.23
C GLY A 391 15.77 -11.81 -14.15
N LEU A 392 15.23 -11.51 -15.32
CA LEU A 392 13.86 -11.03 -15.44
C LEU A 392 12.84 -12.14 -15.34
N LYS A 393 13.27 -13.40 -15.23
CA LYS A 393 12.34 -14.49 -15.05
C LYS A 393 11.57 -14.36 -13.74
N LYS A 394 12.05 -13.52 -12.82
CA LYS A 394 11.26 -13.18 -11.64
C LYS A 394 9.82 -12.86 -12.01
N ILE A 395 9.60 -12.33 -13.21
CA ILE A 395 8.24 -12.10 -13.70
C ILE A 395 7.37 -13.32 -13.46
N TYR A 396 7.96 -14.51 -13.56
CA TYR A 396 7.21 -15.74 -13.27
C TYR A 396 6.69 -15.76 -11.84
N LEU A 397 7.33 -15.04 -10.92
CA LEU A 397 6.81 -14.99 -9.56
C LEU A 397 5.41 -14.41 -9.55
N GLN A 398 5.23 -13.23 -10.15
CA GLN A 398 3.89 -12.68 -10.18
C GLN A 398 2.99 -13.40 -11.18
N VAL A 399 3.56 -14.11 -12.16
CA VAL A 399 2.73 -14.96 -12.99
C VAL A 399 2.04 -16.02 -12.13
N LEU A 400 2.82 -16.73 -11.33
CA LEU A 400 2.27 -17.73 -10.42
C LEU A 400 1.35 -17.07 -9.41
N SER A 401 1.72 -15.88 -8.94
CA SER A 401 0.87 -15.17 -7.98
C SER A 401 -0.49 -14.86 -8.59
N PHE A 402 -0.51 -14.42 -9.85
CA PHE A 402 -1.78 -14.14 -10.52
C PHE A 402 -2.60 -15.42 -10.67
N LEU A 403 -1.97 -16.50 -11.11
CA LEU A 403 -2.71 -17.76 -11.25
C LEU A 403 -3.33 -18.16 -9.92
N LEU A 404 -2.52 -18.19 -8.86
CA LEU A 404 -3.01 -18.63 -7.55
C LEU A 404 -4.06 -17.66 -7.01
N LEU A 405 -3.87 -16.36 -7.23
CA LEU A 405 -4.82 -15.38 -6.73
C LEU A 405 -6.18 -15.55 -7.40
N GLY A 406 -6.18 -15.73 -8.72
CA GLY A 406 -7.44 -16.00 -9.41
C GLY A 406 -8.08 -17.29 -8.93
N LEU A 407 -7.28 -18.34 -8.76
CA LEU A 407 -7.82 -19.62 -8.29
C LEU A 407 -8.46 -19.45 -6.91
N MET A 408 -7.77 -18.79 -5.99
CA MET A 408 -8.31 -18.59 -4.66
C MET A 408 -9.58 -17.75 -4.70
N SER A 409 -9.58 -16.67 -5.49
CA SER A 409 -10.79 -15.87 -5.61
C SER A 409 -11.94 -16.70 -6.15
N MET A 410 -11.63 -17.70 -6.98
CA MET A 410 -12.65 -18.61 -7.48
C MET A 410 -13.02 -19.71 -6.48
N MET A 411 -12.21 -19.91 -5.44
CA MET A 411 -12.36 -21.06 -4.54
C MET A 411 -13.52 -20.84 -3.56
N ILE A 412 -14.70 -20.59 -4.13
CA ILE A 412 -15.91 -20.51 -3.31
C ILE A 412 -16.18 -21.82 -2.60
N PRO A 413 -16.05 -22.99 -3.21
CA PRO A 413 -16.42 -24.23 -2.51
C PRO A 413 -15.71 -24.42 -1.17
N LEU A 414 -14.45 -24.00 -1.07
CA LEU A 414 -13.68 -24.24 0.14
C LEU A 414 -13.49 -22.98 1.00
N CYS A 415 -13.73 -21.79 0.45
CA CYS A 415 -13.61 -20.59 1.28
C CYS A 415 -14.68 -20.55 2.36
N ARG A 416 -15.84 -21.15 2.09
CA ARG A 416 -16.94 -21.13 3.05
C ARG A 416 -16.65 -21.94 4.31
N ASP A 417 -15.74 -22.91 4.25
CA ASP A 417 -15.35 -23.70 5.40
C ASP A 417 -14.09 -23.12 6.01
N PHE A 418 -14.04 -23.09 7.35
CA PHE A 418 -12.94 -22.45 8.05
C PHE A 418 -11.62 -23.16 7.79
N GLY A 419 -11.64 -24.50 7.73
CA GLY A 419 -10.42 -25.25 7.55
C GLY A 419 -9.69 -24.87 6.27
N GLY A 420 -10.42 -24.83 5.15
CA GLY A 420 -9.82 -24.37 3.91
C GLY A 420 -9.66 -22.87 3.85
N LEU A 421 -10.48 -22.14 4.61
CA LEU A 421 -10.38 -20.68 4.61
C LEU A 421 -9.05 -20.22 5.18
N ILE A 422 -8.56 -20.89 6.23
CA ILE A 422 -7.28 -20.50 6.81
C ILE A 422 -6.18 -20.59 5.76
N VAL A 423 -6.12 -21.72 5.05
CA VAL A 423 -5.08 -21.92 4.04
C VAL A 423 -5.27 -20.94 2.90
N VAL A 424 -6.51 -20.71 2.48
CA VAL A 424 -6.77 -19.76 1.40
C VAL A 424 -6.29 -18.37 1.80
N CYS A 425 -6.55 -17.96 3.03
CA CYS A 425 -6.09 -16.66 3.49
C CYS A 425 -4.58 -16.58 3.53
N LEU A 426 -3.92 -17.65 3.99
CA LEU A 426 -2.46 -17.64 4.00
C LEU A 426 -1.92 -17.49 2.58
N PHE A 427 -2.49 -18.25 1.64
CA PHE A 427 -2.07 -18.14 0.25
C PHE A 427 -2.31 -16.74 -0.29
N LEU A 428 -3.46 -16.15 0.02
CA LEU A 428 -3.77 -14.82 -0.49
C LEU A 428 -2.82 -13.78 0.07
N GLY A 429 -2.44 -13.90 1.35
CA GLY A 429 -1.43 -13.01 1.90
C GLY A 429 -0.08 -13.20 1.23
N LEU A 430 0.29 -14.45 0.99
CA LEU A 430 1.50 -14.70 0.21
C LEU A 430 1.44 -13.97 -1.13
N CYS A 431 0.31 -14.08 -1.82
CA CYS A 431 0.17 -13.44 -3.12
C CYS A 431 0.21 -11.92 -3.01
N ASN A 432 -0.37 -11.37 -1.94
CA ASN A 432 -0.29 -9.94 -1.72
C ASN A 432 1.15 -9.50 -1.61
N GLY A 433 1.96 -10.26 -0.86
CA GLY A 433 3.37 -9.95 -0.79
C GLY A 433 4.06 -10.09 -2.13
N PHE A 434 3.76 -11.17 -2.86
CA PHE A 434 4.38 -11.38 -4.16
C PHE A 434 4.07 -10.24 -5.12
N PHE A 435 2.88 -9.66 -5.02
CA PHE A 435 2.44 -8.64 -5.98
C PHE A 435 2.89 -7.24 -5.56
N ILE A 436 2.48 -6.80 -4.37
CA ILE A 436 2.73 -5.42 -3.96
C ILE A 436 4.23 -5.14 -3.88
N THR A 437 4.98 -6.06 -3.28
CA THR A 437 6.38 -5.82 -2.94
C THR A 437 7.33 -6.02 -4.13
N ILE A 438 7.08 -7.02 -4.98
CA ILE A 438 8.01 -7.37 -6.04
C ILE A 438 8.14 -6.28 -7.09
N MET A 439 7.27 -5.27 -7.07
CA MET A 439 7.25 -4.28 -8.13
C MET A 439 8.57 -3.50 -8.21
N ALA A 440 9.05 -3.02 -7.06
CA ALA A 440 10.29 -2.26 -7.07
C ALA A 440 11.47 -3.10 -7.54
N PRO A 441 11.72 -4.30 -7.01
CA PRO A 441 12.81 -5.12 -7.56
C PRO A 441 12.66 -5.41 -9.04
N ILE A 442 11.44 -5.65 -9.51
CA ILE A 442 11.26 -5.93 -10.93
C ILE A 442 11.63 -4.71 -11.76
N ALA A 443 11.20 -3.53 -11.33
CA ALA A 443 11.56 -2.31 -12.05
C ALA A 443 13.07 -2.09 -12.03
N PHE A 444 13.70 -2.34 -10.89
CA PHE A 444 15.15 -2.21 -10.81
C PHE A 444 15.83 -3.12 -11.83
N GLU A 445 15.44 -4.41 -11.85
CA GLU A 445 16.04 -5.32 -12.81
C GLU A 445 15.72 -4.91 -14.25
N LEU A 446 14.57 -4.28 -14.48
CA LEU A 446 14.15 -3.95 -15.83
C LEU A 446 14.92 -2.76 -16.40
N VAL A 447 15.11 -1.71 -15.61
CA VAL A 447 15.59 -0.43 -16.15
C VAL A 447 16.87 0.05 -15.49
N GLY A 448 17.31 -0.53 -14.38
CA GLY A 448 18.50 -0.06 -13.70
C GLY A 448 18.20 1.04 -12.71
N PRO A 449 19.13 1.30 -11.80
CA PRO A 449 18.88 2.31 -10.76
C PRO A 449 18.62 3.71 -11.31
N MET A 450 19.21 4.06 -12.45
CA MET A 450 19.10 5.44 -12.94
C MET A 450 17.66 5.83 -13.24
N GLN A 451 16.86 4.90 -13.77
CA GLN A 451 15.49 5.19 -14.18
C GLN A 451 14.45 4.66 -13.21
N ALA A 452 14.88 4.02 -12.12
CA ALA A 452 13.92 3.40 -11.20
C ALA A 452 12.88 4.39 -10.71
N SER A 453 13.30 5.63 -10.44
CA SER A 453 12.37 6.62 -9.93
C SER A 453 11.24 6.89 -10.92
N GLN A 454 11.60 7.20 -12.16
CA GLN A 454 10.57 7.48 -13.16
C GLN A 454 9.71 6.25 -13.42
N ALA A 455 10.31 5.07 -13.45
CA ALA A 455 9.55 3.85 -13.70
C ALA A 455 8.52 3.62 -12.61
N ILE A 456 8.94 3.68 -11.35
CA ILE A 456 8.01 3.45 -10.24
C ILE A 456 6.95 4.53 -10.22
N GLY A 457 7.33 5.77 -10.52
CA GLY A 457 6.33 6.83 -10.55
C GLY A 457 5.27 6.58 -11.61
N TYR A 458 5.69 6.19 -12.81
CA TYR A 458 4.76 5.92 -13.88
C TYR A 458 3.84 4.75 -13.52
N LEU A 459 4.41 3.69 -12.95
CA LEU A 459 3.60 2.53 -12.57
C LEU A 459 2.59 2.90 -11.51
N LEU A 460 3.01 3.66 -10.49
CA LEU A 460 2.08 4.09 -9.45
C LEU A 460 0.99 4.98 -10.02
N GLY A 461 1.35 5.90 -10.91
CA GLY A 461 0.34 6.74 -11.52
C GLY A 461 -0.70 5.93 -12.27
N MET A 462 -0.25 4.94 -13.03
CA MET A 462 -1.20 4.08 -13.72
C MET A 462 -2.07 3.31 -12.74
N MET A 463 -1.46 2.77 -11.68
CA MET A 463 -2.22 1.99 -10.70
C MET A 463 -3.20 2.84 -9.91
N ALA A 464 -3.00 4.15 -9.88
CA ALA A 464 -3.87 5.02 -9.08
C ALA A 464 -5.34 4.77 -9.38
N LEU A 465 -5.75 4.97 -10.64
CA LEU A 465 -7.17 4.87 -10.97
C LEU A 465 -7.76 3.51 -10.64
N PRO A 466 -7.15 2.39 -11.01
CA PRO A 466 -7.71 1.09 -10.59
C PRO A 466 -7.83 0.95 -9.09
N MET A 467 -6.87 1.48 -8.34
CA MET A 467 -6.90 1.36 -6.89
C MET A 467 -8.15 2.02 -6.33
N ILE A 468 -8.39 3.28 -6.70
CA ILE A 468 -9.58 3.97 -6.22
C ILE A 468 -10.84 3.32 -6.77
N ALA A 469 -10.77 2.75 -7.98
CA ALA A 469 -11.94 2.14 -8.59
C ALA A 469 -12.33 0.83 -7.92
N GLY A 470 -11.38 0.13 -7.29
CA GLY A 470 -11.65 -1.15 -6.70
C GLY A 470 -12.90 -1.18 -5.84
N PRO A 471 -12.87 -0.50 -4.70
CA PRO A 471 -14.01 -0.56 -3.77
C PRO A 471 -15.31 -0.11 -4.42
N PRO A 472 -15.28 0.93 -5.25
CA PRO A 472 -16.50 1.26 -6.01
C PRO A 472 -16.99 0.11 -6.88
N ILE A 473 -16.08 -0.60 -7.55
CA ILE A 473 -16.49 -1.73 -8.37
C ILE A 473 -17.15 -2.79 -7.49
N ALA A 474 -16.52 -3.10 -6.35
CA ALA A 474 -17.08 -4.11 -5.46
C ALA A 474 -18.47 -3.71 -4.99
N GLY A 475 -18.63 -2.45 -4.56
CA GLY A 475 -19.92 -2.00 -4.09
C GLY A 475 -20.99 -2.06 -5.17
N LEU A 476 -20.65 -1.57 -6.37
CA LEU A 476 -21.64 -1.55 -7.45
C LEU A 476 -22.04 -2.96 -7.86
N LEU A 477 -21.07 -3.87 -7.96
CA LEU A 477 -21.35 -5.22 -8.44
C LEU A 477 -21.80 -6.16 -7.33
N ARG A 478 -21.82 -5.73 -6.07
CA ARG A 478 -22.38 -6.57 -5.02
C ARG A 478 -23.77 -7.05 -5.39
N ASN A 479 -24.61 -6.14 -5.91
CA ASN A 479 -25.89 -6.51 -6.52
C ASN A 479 -25.98 -5.81 -7.88
N CYS A 480 -25.32 -6.39 -8.88
CA CYS A 480 -25.52 -5.97 -10.27
C CYS A 480 -25.95 -7.16 -11.12
N PHE A 481 -25.19 -8.24 -11.05
CA PHE A 481 -25.49 -9.46 -11.80
C PHE A 481 -26.17 -10.49 -10.90
N GLY A 482 -27.35 -10.14 -10.42
CA GLY A 482 -28.11 -11.04 -9.58
C GLY A 482 -27.54 -11.18 -8.19
N ASP A 483 -26.37 -11.83 -8.09
CA ASP A 483 -25.72 -12.03 -6.80
C ASP A 483 -24.22 -11.81 -6.97
N TYR A 484 -23.57 -11.43 -5.87
CA TYR A 484 -22.14 -11.13 -5.94
C TYR A 484 -21.33 -12.37 -6.26
N HIS A 485 -21.82 -13.55 -5.89
CA HIS A 485 -21.10 -14.78 -6.22
C HIS A 485 -20.86 -14.87 -7.72
N VAL A 486 -21.94 -14.80 -8.50
CA VAL A 486 -21.81 -14.87 -9.96
C VAL A 486 -21.13 -13.62 -10.49
N ALA A 487 -21.43 -12.46 -9.90
CA ALA A 487 -20.84 -11.21 -10.37
C ALA A 487 -19.32 -11.22 -10.23
N PHE A 488 -18.77 -12.05 -9.33
CA PHE A 488 -17.33 -12.07 -9.11
C PHE A 488 -16.72 -13.47 -9.26
N TYR A 489 -17.42 -14.41 -9.88
CA TYR A 489 -16.76 -15.63 -10.32
C TYR A 489 -15.51 -15.30 -11.13
N PHE A 490 -15.61 -14.29 -11.98
CA PHE A 490 -14.54 -13.89 -12.88
C PHE A 490 -13.46 -13.06 -12.20
N ALA A 491 -13.46 -12.99 -10.86
CA ALA A 491 -12.52 -12.12 -10.17
C ALA A 491 -11.07 -12.41 -10.56
N GLY A 492 -10.77 -13.66 -10.90
CA GLY A 492 -9.44 -14.04 -11.35
C GLY A 492 -9.19 -13.82 -12.83
N VAL A 493 -10.23 -13.49 -13.60
CA VAL A 493 -10.05 -13.26 -15.02
C VAL A 493 -9.09 -12.12 -15.30
N PRO A 494 -9.15 -10.99 -14.59
CA PRO A 494 -8.21 -9.89 -14.87
C PRO A 494 -6.77 -10.34 -14.71
N PRO A 495 -6.39 -10.92 -13.57
CA PRO A 495 -5.02 -11.44 -13.47
C PRO A 495 -4.70 -12.50 -14.51
N ILE A 496 -5.69 -13.31 -14.89
CA ILE A 496 -5.47 -14.27 -15.97
C ILE A 496 -5.05 -13.54 -17.24
N ILE A 497 -5.74 -12.43 -17.55
CA ILE A 497 -5.34 -11.61 -18.68
C ILE A 497 -3.92 -11.11 -18.51
N GLY A 498 -3.61 -10.62 -17.31
CA GLY A 498 -2.29 -10.09 -17.05
C GLY A 498 -1.20 -11.15 -17.14
N ALA A 499 -1.58 -12.42 -17.06
CA ALA A 499 -0.65 -13.53 -17.07
C ALA A 499 -0.47 -14.16 -18.45
N VAL A 500 -0.51 -13.36 -19.51
CA VAL A 500 -0.52 -13.92 -20.86
C VAL A 500 0.76 -13.58 -21.62
N ILE A 501 1.03 -12.28 -21.82
CA ILE A 501 2.12 -11.86 -22.70
C ILE A 501 3.43 -11.66 -21.98
N LEU A 502 3.50 -11.97 -20.69
CA LEU A 502 4.65 -11.59 -19.88
C LEU A 502 5.88 -12.46 -20.12
N PHE A 503 5.88 -13.27 -21.19
CA PHE A 503 7.10 -13.90 -21.68
C PHE A 503 7.46 -13.51 -23.09
N PHE A 504 6.48 -13.25 -23.95
CA PHE A 504 6.77 -12.91 -25.33
C PHE A 504 7.51 -11.58 -25.44
N VAL A 505 7.09 -10.57 -24.69
CA VAL A 505 7.68 -9.24 -24.77
C VAL A 505 7.84 -8.67 -23.36
N PRO A 506 9.06 -8.67 -22.80
CA PRO A 506 9.24 -8.07 -21.47
C PRO A 506 9.44 -6.57 -21.53
N SER A 507 9.94 -6.06 -22.65
CA SER A 507 10.21 -4.64 -22.79
C SER A 507 10.46 -4.26 -24.24
#